data_6FLY
#
_entry.id   6FLY
#
_cell.length_a   86.680
_cell.length_b   86.680
_cell.length_c   257.270
_cell.angle_alpha   90.00
_cell.angle_beta   90.00
_cell.angle_gamma   120.00
#
_symmetry.space_group_name_H-M   'P 61 2 2'
#
loop_
_entity.id
_entity.type
_entity.pdbx_description
1 polymer 'Jacalin-like lectin'
2 non-polymer alpha-D-mannopyranose
3 water water
#
_entity_poly.entity_id   1
_entity_poly.type   'polypeptide(L)'
_entity_poly.pdbx_seq_one_letter_code
;SGLVKLGLWGGNEGTLQDIDGHPTRLTKIVIRSAHAIDALQFDYVEDGKTFAAGQWGGNGGKSDTIEFQPGEYLIAIKGT
TGALGAVTNLVRSLTFISNMRTYGPFGLEHGTPFSVPVASGRIVAFYGRFGSLVDAFGIYLMPY
;
_entity_poly.pdbx_strand_id   A,B
#
loop_
_chem_comp.id
_chem_comp.type
_chem_comp.name
_chem_comp.formula
MAN D-saccharide, alpha linking alpha-D-mannopyranose 'C6 H12 O6'
#
# COMPACT_ATOMS: atom_id res chain seq x y z
N SER A 1 -19.05 -6.35 -0.53
CA SER A 1 -17.65 -6.69 -0.77
C SER A 1 -16.86 -6.76 0.52
N GLY A 2 -16.77 -5.57 1.10
CA GLY A 2 -16.27 -5.23 2.42
C GLY A 2 -14.81 -5.54 2.55
N LEU A 3 -14.07 -5.30 1.48
CA LEU A 3 -12.65 -5.47 1.30
C LEU A 3 -12.00 -4.11 1.09
N VAL A 4 -10.79 -3.92 1.57
CA VAL A 4 -10.04 -2.74 1.16
C VAL A 4 -9.35 -3.08 -0.17
N LYS A 5 -9.49 -2.21 -1.16
CA LYS A 5 -8.98 -2.44 -2.51
C LYS A 5 -7.90 -1.40 -2.80
N LEU A 6 -6.66 -1.85 -2.97
CA LEU A 6 -5.54 -0.97 -3.25
C LEU A 6 -5.12 -1.12 -4.70
N GLY A 7 -4.82 0.01 -5.34
CA GLY A 7 -4.37 0.01 -6.72
C GLY A 7 -4.90 1.22 -7.47
N LEU A 8 -4.51 1.38 -8.74
CA LEU A 8 -3.59 0.49 -9.45
C LEU A 8 -2.15 0.98 -9.45
N TRP A 9 -1.23 0.02 -9.40
CA TRP A 9 0.18 0.28 -9.68
C TRP A 9 0.46 -0.14 -11.12
N GLY A 10 1.01 0.78 -11.90
CA GLY A 10 1.31 0.52 -13.30
C GLY A 10 0.61 1.50 -14.23
N GLY A 11 0.42 1.08 -15.48
CA GLY A 11 -0.01 1.97 -16.53
C GLY A 11 -1.50 1.87 -16.83
N ASN A 12 -1.90 2.53 -17.91
CA ASN A 12 -3.29 2.75 -18.27
C ASN A 12 -3.72 1.91 -19.46
N GLU A 13 -2.86 1.04 -19.97
CA GLU A 13 -3.20 0.30 -21.18
C GLU A 13 -3.73 -1.08 -20.78
N GLY A 14 -3.75 -2.01 -21.72
CA GLY A 14 -4.46 -3.25 -21.49
C GLY A 14 -5.94 -3.02 -21.19
N THR A 15 -6.53 -4.03 -20.57
CA THR A 15 -7.94 -4.06 -20.23
C THR A 15 -8.08 -4.42 -18.77
N LEU A 16 -8.97 -3.72 -18.07
CA LEU A 16 -9.23 -4.00 -16.66
C LEU A 16 -9.81 -5.40 -16.49
N GLN A 17 -9.24 -6.17 -15.56
CA GLN A 17 -9.78 -7.46 -15.14
C GLN A 17 -9.89 -7.47 -13.62
N ASP A 18 -10.94 -8.12 -13.14
CA ASP A 18 -11.32 -8.04 -11.74
C ASP A 18 -12.13 -9.27 -11.35
N ILE A 19 -12.20 -9.52 -10.04
CA ILE A 19 -12.96 -10.65 -9.52
C ILE A 19 -14.44 -10.32 -9.49
N ASP A 20 -15.25 -11.38 -9.44
CA ASP A 20 -16.70 -11.28 -9.25
C ASP A 20 -17.06 -12.23 -8.10
N GLY A 21 -16.71 -11.82 -6.88
CA GLY A 21 -16.93 -12.69 -5.74
C GLY A 21 -16.51 -12.02 -4.45
N HIS A 22 -16.49 -12.84 -3.40
CA HIS A 22 -16.23 -12.40 -2.03
C HIS A 22 -15.17 -13.31 -1.41
N PRO A 23 -13.91 -13.14 -1.82
CA PRO A 23 -12.87 -14.06 -1.34
C PRO A 23 -12.57 -13.85 0.13
N THR A 24 -12.31 -14.95 0.83
CA THR A 24 -11.89 -14.90 2.23
C THR A 24 -10.55 -15.58 2.47
N ARG A 25 -9.95 -16.18 1.45
CA ARG A 25 -8.68 -16.87 1.62
C ARG A 25 -8.03 -17.02 0.25
N LEU A 26 -6.77 -16.60 0.14
CA LEU A 26 -5.97 -16.84 -1.05
C LEU A 26 -5.21 -18.15 -0.87
N THR A 27 -5.40 -19.09 -1.80
CA THR A 27 -4.78 -20.41 -1.69
C THR A 27 -3.65 -20.66 -2.68
N LYS A 28 -3.61 -19.97 -3.82
CA LYS A 28 -2.69 -20.33 -4.87
C LYS A 28 -2.51 -19.14 -5.79
N ILE A 29 -1.27 -18.95 -6.26
CA ILE A 29 -0.97 -17.97 -7.29
C ILE A 29 -0.19 -18.71 -8.37
N VAL A 30 -0.59 -18.53 -9.62
CA VAL A 30 0.24 -18.93 -10.75
C VAL A 30 0.62 -17.67 -11.49
N ILE A 31 1.92 -17.43 -11.61
CA ILE A 31 2.45 -16.21 -12.21
C ILE A 31 3.36 -16.59 -13.38
N ARG A 32 3.16 -15.93 -14.51
CA ARG A 32 4.03 -16.05 -15.67
C ARG A 32 4.91 -14.80 -15.74
N SER A 33 6.21 -15.00 -15.96
CA SER A 33 7.11 -13.86 -15.94
C SER A 33 8.37 -14.18 -16.73
N ALA A 34 9.08 -13.13 -17.09
CA ALA A 34 10.39 -13.21 -17.71
C ALA A 34 11.10 -11.87 -17.54
N HIS A 35 11.05 -11.03 -18.57
CA HIS A 35 11.58 -9.68 -18.44
C HIS A 35 10.62 -8.75 -17.70
N ALA A 36 9.34 -9.11 -17.68
CA ALA A 36 8.30 -8.44 -16.91
C ALA A 36 7.36 -9.53 -16.38
N ILE A 37 6.22 -9.10 -15.83
CA ILE A 37 5.19 -10.03 -15.39
C ILE A 37 4.21 -10.20 -16.56
N ASP A 38 4.10 -11.43 -17.06
CA ASP A 38 3.27 -11.75 -18.22
C ASP A 38 1.80 -12.01 -17.88
N ALA A 39 1.51 -12.72 -16.79
CA ALA A 39 0.14 -13.10 -16.50
C ALA A 39 -0.01 -13.44 -15.03
N LEU A 40 -1.24 -13.31 -14.54
CA LEU A 40 -1.59 -13.71 -13.18
C LEU A 40 -2.83 -14.59 -13.19
N GLN A 41 -2.81 -15.61 -12.34
CA GLN A 41 -3.93 -16.50 -12.09
C GLN A 41 -3.86 -16.86 -10.61
N PHE A 42 -5.01 -16.90 -9.94
CA PHE A 42 -4.99 -17.25 -8.53
C PHE A 42 -6.27 -17.93 -8.12
N ASP A 43 -6.19 -18.73 -7.06
CA ASP A 43 -7.34 -19.43 -6.50
C ASP A 43 -7.67 -18.84 -5.13
N TYR A 44 -8.97 -18.71 -4.86
CA TYR A 44 -9.44 -18.23 -3.56
C TYR A 44 -10.58 -19.09 -3.08
N VAL A 45 -10.88 -18.98 -1.78
CA VAL A 45 -11.95 -19.74 -1.16
C VAL A 45 -13.10 -18.78 -0.83
N GLU A 46 -14.32 -19.23 -1.11
CA GLU A 46 -15.53 -18.50 -0.76
C GLU A 46 -16.59 -19.49 -0.30
N ASP A 47 -17.09 -19.30 0.90
CA ASP A 47 -18.06 -20.22 1.53
C ASP A 47 -17.61 -21.68 1.42
N GLY A 48 -16.31 -21.90 1.61
CA GLY A 48 -15.71 -23.22 1.60
C GLY A 48 -15.48 -23.84 0.23
N LYS A 49 -15.87 -23.17 -0.84
CA LYS A 49 -15.65 -23.67 -2.19
C LYS A 49 -14.49 -22.87 -2.82
N THR A 50 -13.71 -23.53 -3.66
CA THR A 50 -12.56 -22.91 -4.32
C THR A 50 -12.91 -22.43 -5.72
N PHE A 51 -12.58 -21.16 -5.98
CA PHE A 51 -12.80 -20.51 -7.27
C PHE A 51 -11.48 -20.06 -7.87
N ALA A 52 -11.36 -20.19 -9.19
CA ALA A 52 -10.17 -19.75 -9.92
C ALA A 52 -10.46 -18.42 -10.62
N ALA A 53 -9.62 -17.42 -10.33
CA ALA A 53 -9.61 -16.15 -11.04
C ALA A 53 -8.48 -16.14 -12.06
N GLY A 54 -8.74 -15.54 -13.22
CA GLY A 54 -7.79 -15.53 -14.31
C GLY A 54 -7.91 -16.83 -15.09
N GLN A 55 -6.94 -17.15 -15.96
CA GLN A 55 -5.72 -16.38 -16.15
C GLN A 55 -5.96 -15.00 -16.82
N TRP A 56 -5.28 -13.99 -16.29
CA TRP A 56 -5.26 -12.64 -16.85
C TRP A 56 -3.87 -12.34 -17.40
N GLY A 57 -3.81 -11.92 -18.65
CA GLY A 57 -2.56 -11.67 -19.32
C GLY A 57 -2.27 -12.70 -20.41
N GLY A 58 -1.07 -12.62 -20.97
CA GLY A 58 -0.70 -13.40 -22.12
C GLY A 58 -0.04 -14.72 -21.75
N ASN A 59 0.47 -15.40 -22.77
CA ASN A 59 1.04 -16.73 -22.61
C ASN A 59 2.57 -16.73 -22.71
N GLY A 60 3.20 -15.56 -22.59
CA GLY A 60 4.65 -15.47 -22.58
C GLY A 60 5.28 -15.84 -21.25
N GLY A 61 6.61 -15.73 -21.22
CA GLY A 61 7.44 -16.03 -20.06
C GLY A 61 7.38 -17.49 -19.63
N LYS A 62 7.79 -17.72 -18.38
CA LYS A 62 7.75 -19.03 -17.77
C LYS A 62 6.86 -18.95 -16.54
N SER A 63 6.29 -20.10 -16.17
CA SER A 63 5.31 -20.18 -15.10
C SER A 63 5.97 -20.57 -13.79
N ASP A 64 5.47 -19.99 -12.70
CA ASP A 64 5.82 -20.39 -11.34
C ASP A 64 4.53 -20.46 -10.53
N THR A 65 4.47 -21.46 -9.65
CA THR A 65 3.29 -21.70 -8.83
C THR A 65 3.62 -21.55 -7.36
N ILE A 66 2.77 -20.82 -6.65
CA ILE A 66 2.86 -20.63 -5.21
C ILE A 66 1.62 -21.26 -4.59
N GLU A 67 1.81 -22.31 -3.80
CA GLU A 67 0.74 -23.00 -3.10
C GLU A 67 0.94 -22.74 -1.62
N PHE A 68 0.06 -21.94 -1.04
CA PHE A 68 0.19 -21.59 0.38
C PHE A 68 -0.21 -22.77 1.25
N GLN A 69 0.59 -23.05 2.27
CA GLN A 69 0.25 -24.10 3.19
C GLN A 69 -0.82 -23.62 4.16
N PRO A 70 -1.55 -24.54 4.79
CA PRO A 70 -2.44 -24.12 5.89
C PRO A 70 -1.63 -23.37 6.94
N GLY A 71 -2.15 -22.22 7.35
CA GLY A 71 -1.45 -21.37 8.29
C GLY A 71 -0.48 -20.41 7.65
N GLU A 72 -0.29 -20.48 6.34
CA GLU A 72 0.60 -19.57 5.62
C GLU A 72 -0.23 -18.49 4.92
N TYR A 73 0.24 -17.25 5.03
CA TYR A 73 -0.47 -16.12 4.44
C TYR A 73 0.54 -15.04 4.09
N LEU A 74 0.16 -14.18 3.14
CA LEU A 74 1.04 -13.10 2.73
C LEU A 74 1.08 -12.00 3.79
N ILE A 75 2.30 -11.53 4.08
CA ILE A 75 2.52 -10.39 4.96
C ILE A 75 3.04 -9.15 4.22
N ALA A 76 3.45 -9.28 2.97
CA ALA A 76 3.91 -8.13 2.21
C ALA A 76 3.99 -8.47 0.75
N ILE A 77 3.81 -7.46 -0.10
CA ILE A 77 4.10 -7.57 -1.52
C ILE A 77 4.99 -6.41 -1.93
N LYS A 78 5.97 -6.68 -2.78
CA LYS A 78 6.82 -5.65 -3.35
C LYS A 78 6.81 -5.77 -4.86
N GLY A 79 7.17 -4.69 -5.53
CA GLY A 79 7.28 -4.75 -6.97
C GLY A 79 7.93 -3.50 -7.53
N THR A 80 8.00 -3.48 -8.86
CA THR A 80 8.49 -2.33 -9.60
C THR A 80 7.63 -2.18 -10.84
N THR A 81 7.44 -0.94 -11.28
CA THR A 81 6.72 -0.67 -12.51
C THR A 81 7.62 0.15 -13.40
N GLY A 82 7.41 0.05 -14.71
CA GLY A 82 8.20 0.86 -15.61
C GLY A 82 8.04 0.38 -17.05
N ALA A 83 8.83 1.01 -17.90
CA ALA A 83 8.78 0.79 -19.33
C ALA A 83 9.39 -0.56 -19.73
N LEU A 84 8.84 -1.11 -20.81
CA LEU A 84 9.43 -2.25 -21.50
C LEU A 84 9.04 -2.10 -22.96
N GLY A 85 10.03 -2.04 -23.83
CA GLY A 85 9.74 -1.92 -25.24
C GLY A 85 8.89 -0.71 -25.54
N ALA A 86 7.77 -0.99 -26.21
CA ALA A 86 6.78 -0.02 -26.61
C ALA A 86 5.76 0.28 -25.52
N VAL A 87 5.82 -0.41 -24.37
CA VAL A 87 4.82 -0.20 -23.33
C VAL A 87 5.40 0.84 -22.39
N THR A 88 4.67 1.94 -22.22
CA THR A 88 5.17 3.05 -21.43
C THR A 88 5.35 2.68 -19.96
N ASN A 89 4.43 1.90 -19.40
CA ASN A 89 4.46 1.62 -17.97
C ASN A 89 3.66 0.35 -17.69
N LEU A 90 4.34 -0.68 -17.22
CA LEU A 90 3.72 -1.96 -16.87
C LEU A 90 4.43 -2.50 -15.63
N VAL A 91 4.01 -3.68 -15.20
CA VAL A 91 4.53 -4.27 -13.97
C VAL A 91 5.76 -5.09 -14.37
N ARG A 92 6.93 -4.65 -13.90
CA ARG A 92 8.19 -5.29 -14.26
C ARG A 92 8.54 -6.44 -13.34
N SER A 93 8.21 -6.36 -12.06
CA SER A 93 8.54 -7.43 -11.13
C SER A 93 7.54 -7.45 -9.99
N LEU A 94 7.42 -8.61 -9.35
CA LEU A 94 6.62 -8.79 -8.15
C LEU A 94 7.32 -9.75 -7.21
N THR A 95 7.26 -9.44 -5.92
CA THR A 95 7.76 -10.34 -4.87
C THR A 95 6.66 -10.55 -3.85
N PHE A 96 6.45 -11.82 -3.46
CA PHE A 96 5.42 -12.19 -2.50
C PHE A 96 6.08 -12.76 -1.26
N ILE A 97 5.89 -12.10 -0.13
CA ILE A 97 6.51 -12.48 1.13
C ILE A 97 5.41 -13.00 2.05
N SER A 98 5.51 -14.26 2.46
CA SER A 98 4.58 -14.85 3.40
C SER A 98 5.21 -14.88 4.79
N ASN A 99 4.41 -15.31 5.77
CA ASN A 99 4.94 -15.46 7.12
C ASN A 99 5.95 -16.60 7.22
N MET A 100 6.10 -17.42 6.18
CA MET A 100 7.04 -18.53 6.19
C MET A 100 8.23 -18.33 5.25
N ARG A 101 8.05 -17.74 4.08
CA ARG A 101 9.17 -17.60 3.15
C ARG A 101 8.88 -16.48 2.16
N THR A 102 9.85 -16.22 1.29
CA THR A 102 9.73 -15.22 0.24
C THR A 102 9.67 -15.93 -1.11
N TYR A 103 8.72 -15.52 -1.94
CA TYR A 103 8.58 -16.04 -3.29
C TYR A 103 8.92 -14.93 -4.28
N GLY A 104 9.90 -15.19 -5.15
CA GLY A 104 10.37 -14.18 -6.08
C GLY A 104 11.70 -13.58 -5.69
N PRO A 105 12.07 -12.45 -6.30
CA PRO A 105 11.29 -11.66 -7.28
C PRO A 105 11.01 -12.39 -8.59
N PHE A 106 9.83 -12.17 -9.16
CA PHE A 106 9.52 -12.62 -10.50
C PHE A 106 9.66 -11.45 -11.46
N GLY A 107 10.13 -11.74 -12.68
CA GLY A 107 10.47 -10.71 -13.65
C GLY A 107 11.85 -10.10 -13.41
N LEU A 108 11.98 -8.83 -13.80
CA LEU A 108 13.19 -8.03 -13.63
C LEU A 108 12.83 -6.70 -12.97
N GLU A 109 13.60 -6.35 -11.95
CA GLU A 109 13.41 -5.18 -11.08
C GLU A 109 13.90 -3.87 -11.71
N HIS A 110 13.18 -3.38 -12.70
CA HIS A 110 13.46 -2.06 -13.27
C HIS A 110 12.31 -1.06 -13.04
N GLY A 111 12.61 0.23 -12.92
CA GLY A 111 11.54 1.19 -12.71
C GLY A 111 11.37 1.68 -11.29
N THR A 112 10.15 2.18 -11.03
CA THR A 112 9.79 2.78 -9.77
C THR A 112 9.32 1.70 -8.80
N PRO A 113 9.90 1.58 -7.61
CA PRO A 113 9.47 0.55 -6.67
C PRO A 113 8.15 0.89 -6.00
N PHE A 114 7.44 -0.17 -5.58
CA PHE A 114 6.37 -0.02 -4.60
C PHE A 114 6.45 -1.20 -3.62
N SER A 115 5.81 -1.01 -2.47
CA SER A 115 5.83 -2.00 -1.39
C SER A 115 4.58 -1.84 -0.56
N VAL A 116 4.01 -2.97 -0.18
CA VAL A 116 2.81 -3.06 0.64
C VAL A 116 3.10 -3.99 1.80
N PRO A 117 3.69 -3.50 2.89
CA PRO A 117 3.81 -4.30 4.11
C PRO A 117 2.50 -4.28 4.88
N VAL A 118 2.04 -5.45 5.31
CA VAL A 118 0.75 -5.59 5.99
C VAL A 118 1.02 -5.84 7.46
N ALA A 119 0.69 -4.85 8.31
CA ALA A 119 0.81 -5.02 9.75
C ALA A 119 -0.37 -5.78 10.34
N SER A 120 -1.57 -5.54 9.82
CA SER A 120 -2.75 -6.27 10.26
C SER A 120 -3.69 -6.41 9.07
N GLY A 121 -3.96 -7.64 8.68
CA GLY A 121 -4.87 -7.91 7.59
C GLY A 121 -4.44 -9.16 6.84
N ARG A 122 -5.25 -9.50 5.84
CA ARG A 122 -5.00 -10.66 4.99
C ARG A 122 -5.21 -10.28 3.53
N ILE A 123 -4.25 -10.62 2.69
CA ILE A 123 -4.40 -10.47 1.25
C ILE A 123 -5.18 -11.67 0.72
N VAL A 124 -6.31 -11.40 0.06
CA VAL A 124 -7.22 -12.47 -0.35
C VAL A 124 -7.42 -12.54 -1.86
N ALA A 125 -7.06 -11.52 -2.63
CA ALA A 125 -7.29 -11.56 -4.07
C ALA A 125 -6.53 -10.40 -4.72
N PHE A 126 -6.56 -10.37 -6.04
CA PHE A 126 -5.88 -9.36 -6.84
C PHE A 126 -6.80 -8.90 -7.96
N TYR A 127 -6.44 -7.78 -8.59
CA TYR A 127 -7.03 -7.36 -9.85
C TYR A 127 -5.96 -6.62 -10.64
N GLY A 128 -6.30 -6.16 -11.84
CA GLY A 128 -5.31 -5.40 -12.58
C GLY A 128 -5.78 -5.01 -13.96
N ARG A 129 -4.83 -4.54 -14.75
CA ARG A 129 -5.03 -4.31 -16.18
C ARG A 129 -4.04 -5.19 -16.94
N PHE A 130 -4.53 -5.79 -18.02
CA PHE A 130 -3.83 -6.87 -18.69
C PHE A 130 -4.02 -6.80 -20.20
N GLY A 131 -2.95 -7.06 -20.92
CA GLY A 131 -3.02 -7.29 -22.35
C GLY A 131 -2.21 -8.53 -22.66
N SER A 132 -1.17 -8.43 -23.47
CA SER A 132 -0.25 -9.55 -23.57
C SER A 132 0.63 -9.66 -22.33
N LEU A 133 0.69 -8.60 -21.53
CA LEU A 133 1.43 -8.57 -20.27
C LEU A 133 0.53 -8.00 -19.18
N VAL A 134 1.09 -7.88 -17.97
CA VAL A 134 0.40 -7.25 -16.85
C VAL A 134 0.70 -5.76 -16.88
N ASP A 135 -0.26 -4.98 -17.39
CA ASP A 135 -0.10 -3.53 -17.43
C ASP A 135 -0.17 -2.91 -16.03
N ALA A 136 -1.05 -3.42 -15.17
CA ALA A 136 -1.23 -2.82 -13.86
C ALA A 136 -1.75 -3.87 -12.88
N PHE A 137 -1.57 -3.57 -11.59
CA PHE A 137 -1.76 -4.56 -10.52
C PHE A 137 -2.40 -3.90 -9.30
N GLY A 138 -3.27 -4.65 -8.63
CA GLY A 138 -3.91 -4.21 -7.40
C GLY A 138 -4.25 -5.39 -6.51
N ILE A 139 -4.62 -5.06 -5.27
CA ILE A 139 -4.70 -6.02 -4.17
C ILE A 139 -6.00 -5.84 -3.40
N TYR A 140 -6.61 -6.95 -3.00
CA TYR A 140 -7.73 -6.97 -2.08
C TYR A 140 -7.26 -7.44 -0.72
N LEU A 141 -7.60 -6.70 0.33
CA LEU A 141 -7.26 -7.06 1.70
C LEU A 141 -8.50 -7.12 2.57
N MET A 142 -8.50 -8.08 3.46
CA MET A 142 -9.51 -8.30 4.46
C MET A 142 -8.98 -7.92 5.84
N PRO A 143 -9.77 -7.24 6.67
CA PRO A 143 -9.36 -7.04 8.06
C PRO A 143 -9.14 -8.38 8.77
N TYR A 144 -8.21 -8.36 9.72
CA TYR A 144 -7.88 -9.57 10.47
C TYR A 144 -8.40 -9.45 11.89
N SER B 1 -10.34 -1.83 15.20
CA SER B 1 -10.21 -3.28 15.30
C SER B 1 -10.52 -3.99 13.97
N GLY B 2 -11.61 -3.60 13.32
CA GLY B 2 -11.82 -4.06 11.95
C GLY B 2 -11.20 -3.21 10.87
N LEU B 3 -9.97 -2.76 11.09
CA LEU B 3 -9.24 -1.94 10.15
C LEU B 3 -8.08 -2.73 9.54
N VAL B 4 -7.79 -2.46 8.27
CA VAL B 4 -6.57 -2.96 7.65
C VAL B 4 -5.45 -1.99 8.00
N LYS B 5 -4.33 -2.53 8.48
CA LYS B 5 -3.20 -1.74 8.95
C LYS B 5 -1.99 -2.01 8.07
N LEU B 6 -1.54 -0.99 7.33
CA LEU B 6 -0.40 -1.09 6.43
C LEU B 6 0.81 -0.39 7.04
N GLY B 7 1.98 -1.00 6.89
CA GLY B 7 3.21 -0.41 7.40
C GLY B 7 4.14 -1.47 7.94
N LEU B 8 5.34 -1.09 8.38
CA LEU B 8 5.83 0.29 8.37
C LEU B 8 6.71 0.56 7.15
N TRP B 9 6.62 1.80 6.65
CA TRP B 9 7.59 2.32 5.69
C TRP B 9 8.60 3.17 6.45
N GLY B 10 9.88 2.85 6.29
CA GLY B 10 10.95 3.57 6.98
C GLY B 10 11.83 2.67 7.82
N GLY B 11 12.50 3.26 8.81
CA GLY B 11 13.54 2.56 9.55
C GLY B 11 13.05 2.02 10.88
N ASN B 12 14.01 1.55 11.68
CA ASN B 12 13.73 0.81 12.90
C ASN B 12 14.02 1.57 14.18
N GLU B 13 14.42 2.84 14.09
CA GLU B 13 14.80 3.59 15.28
C GLU B 13 13.59 4.42 15.75
N GLY B 14 13.85 5.42 16.57
CA GLY B 14 12.74 6.09 17.24
C GLY B 14 11.94 5.12 18.11
N THR B 15 10.71 5.55 18.40
CA THR B 15 9.80 4.81 19.27
C THR B 15 8.44 4.65 18.60
N LEU B 16 7.88 3.45 18.71
CA LEU B 16 6.55 3.19 18.16
C LEU B 16 5.50 4.06 18.85
N GLN B 17 4.67 4.71 18.04
CA GLN B 17 3.51 5.44 18.51
C GLN B 17 2.31 4.99 17.67
N ASP B 18 1.16 4.89 18.35
CA ASP B 18 -0.01 4.26 17.75
C ASP B 18 -1.27 4.78 18.41
N ILE B 19 -2.41 4.59 17.73
CA ILE B 19 -3.70 5.03 18.24
C ILE B 19 -4.23 4.06 19.29
N ASP B 20 -5.14 4.55 20.13
CA ASP B 20 -5.88 3.74 21.09
C ASP B 20 -7.36 4.06 20.90
N GLY B 21 -7.94 3.57 19.81
CA GLY B 21 -9.32 3.89 19.50
C GLY B 21 -9.80 3.18 18.26
N HIS B 22 -10.98 3.59 17.82
CA HIS B 22 -11.69 2.98 16.68
C HIS B 22 -12.12 4.06 15.71
N PRO B 23 -11.19 4.62 14.95
CA PRO B 23 -11.51 5.76 14.08
C PRO B 23 -12.39 5.36 12.90
N THR B 24 -13.32 6.26 12.55
CA THR B 24 -14.17 6.09 11.38
C THR B 24 -14.08 7.25 10.41
N ARG B 25 -13.32 8.30 10.73
CA ARG B 25 -13.19 9.46 9.85
C ARG B 25 -11.94 10.23 10.23
N LEU B 26 -11.10 10.52 9.24
CA LEU B 26 -9.96 11.41 9.42
C LEU B 26 -10.39 12.83 9.06
N THR B 27 -10.23 13.78 10.00
CA THR B 27 -10.67 15.16 9.78
C THR B 27 -9.55 16.17 9.58
N LYS B 28 -8.34 15.91 10.08
CA LYS B 28 -7.32 16.94 10.09
C LYS B 28 -5.96 16.27 10.22
N ILE B 29 -4.97 16.82 9.51
CA ILE B 29 -3.58 16.43 9.66
C ILE B 29 -2.78 17.71 9.90
N VAL B 30 -1.90 17.68 10.90
CA VAL B 30 -0.88 18.71 11.04
C VAL B 30 0.47 18.03 10.89
N ILE B 31 1.25 18.47 9.91
CA ILE B 31 2.53 17.86 9.60
C ILE B 31 3.61 18.93 9.67
N ARG B 32 4.71 18.62 10.35
CA ARG B 32 5.91 19.45 10.39
C ARG B 32 6.96 18.83 9.50
N SER B 33 7.60 19.65 8.65
CA SER B 33 8.52 19.11 7.68
C SER B 33 9.52 20.18 7.22
N ALA B 34 10.61 19.70 6.62
CA ALA B 34 11.60 20.53 5.95
C ALA B 34 12.39 19.67 4.98
N HIS B 35 13.58 19.23 5.38
CA HIS B 35 14.32 18.28 4.57
C HIS B 35 13.79 16.86 4.75
N ALA B 36 13.06 16.62 5.84
CA ALA B 36 12.36 15.36 6.07
C ALA B 36 11.03 15.69 6.74
N ILE B 37 10.34 14.65 7.21
CA ILE B 37 9.11 14.81 7.97
C ILE B 37 9.48 14.84 9.44
N ASP B 38 9.19 15.96 10.11
CA ASP B 38 9.55 16.13 11.50
C ASP B 38 8.52 15.55 12.47
N ALA B 39 7.23 15.71 12.19
CA ALA B 39 6.21 15.28 13.14
C ALA B 39 4.88 15.11 12.43
N LEU B 40 4.02 14.28 13.04
CA LEU B 40 2.65 14.09 12.58
C LEU B 40 1.68 14.25 13.74
N GLN B 41 0.55 14.87 13.44
CA GLN B 41 -0.57 15.01 14.36
C GLN B 41 -1.84 14.94 13.53
N PHE B 42 -2.87 14.24 14.03
CA PHE B 42 -4.10 14.16 13.25
C PHE B 42 -5.30 13.99 14.17
N ASP B 43 -6.47 14.42 13.67
CA ASP B 43 -7.72 14.30 14.38
C ASP B 43 -8.62 13.28 13.69
N TYR B 44 -9.32 12.47 14.48
CA TYR B 44 -10.26 11.51 13.92
C TYR B 44 -11.55 11.53 14.73
N VAL B 45 -12.61 10.98 14.14
CA VAL B 45 -13.92 10.93 14.78
C VAL B 45 -14.22 9.49 15.19
N GLU B 46 -14.77 9.35 16.40
CA GLU B 46 -15.23 8.07 16.93
C GLU B 46 -16.52 8.30 17.70
N ASP B 47 -17.58 7.59 17.31
CA ASP B 47 -18.90 7.76 17.91
C ASP B 47 -19.31 9.23 17.98
N GLY B 48 -19.02 9.97 16.92
CA GLY B 48 -19.40 11.37 16.84
C GLY B 48 -18.55 12.32 17.64
N LYS B 49 -17.54 11.83 18.36
CA LYS B 49 -16.63 12.64 19.14
C LYS B 49 -15.30 12.78 18.40
N THR B 50 -14.66 13.95 18.53
CA THR B 50 -13.38 14.19 17.88
C THR B 50 -12.23 13.95 18.87
N PHE B 51 -11.27 13.13 18.47
CA PHE B 51 -10.09 12.82 19.25
C PHE B 51 -8.83 13.24 18.50
N ALA B 52 -7.84 13.75 19.24
CA ALA B 52 -6.55 14.15 18.68
C ALA B 52 -5.51 13.09 18.97
N ALA B 53 -4.88 12.57 17.93
CA ALA B 53 -3.71 11.70 18.02
C ALA B 53 -2.44 12.51 17.75
N GLY B 54 -1.37 12.20 18.48
CA GLY B 54 -0.12 12.92 18.38
C GLY B 54 -0.22 14.17 19.24
N GLN B 55 0.71 15.12 19.09
CA GLN B 55 1.78 15.12 18.09
C GLN B 55 2.84 14.06 18.32
N TRP B 56 3.26 13.38 17.26
CA TRP B 56 4.37 12.43 17.31
C TRP B 56 5.53 13.00 16.51
N GLY B 57 6.70 13.06 17.14
CA GLY B 57 7.88 13.66 16.53
C GLY B 57 8.25 14.98 17.17
N GLY B 58 9.25 15.63 16.58
CA GLY B 58 9.85 16.82 17.14
C GLY B 58 9.20 18.10 16.65
N ASN B 59 9.82 19.23 17.03
CA ASN B 59 9.31 20.56 16.73
C ASN B 59 10.11 21.29 15.66
N GLY B 60 10.91 20.57 14.89
CA GLY B 60 11.65 21.17 13.78
C GLY B 60 10.77 21.40 12.56
N GLY B 61 11.41 21.94 11.52
CA GLY B 61 10.72 22.24 10.27
C GLY B 61 9.65 23.32 10.42
N LYS B 62 8.75 23.33 9.43
CA LYS B 62 7.63 24.25 9.39
C LYS B 62 6.34 23.43 9.39
N SER B 63 5.27 24.05 9.86
CA SER B 63 4.00 23.37 10.04
C SER B 63 3.09 23.62 8.85
N ASP B 64 2.33 22.60 8.47
CA ASP B 64 1.26 22.74 7.50
C ASP B 64 0.04 21.99 8.03
N THR B 65 -1.14 22.56 7.81
CA THR B 65 -2.39 21.99 8.28
C THR B 65 -3.27 21.62 7.10
N ILE B 66 -3.83 20.42 7.13
CA ILE B 66 -4.78 19.94 6.15
C ILE B 66 -6.09 19.70 6.91
N GLU B 67 -7.12 20.46 6.58
CA GLU B 67 -8.43 20.30 7.19
C GLU B 67 -9.38 19.81 6.10
N PHE B 68 -9.80 18.55 6.22
CA PHE B 68 -10.67 17.98 5.20
C PHE B 68 -12.09 18.53 5.31
N GLN B 69 -12.65 18.87 4.16
CA GLN B 69 -14.01 19.35 4.06
C GLN B 69 -15.00 18.20 4.12
N PRO B 70 -16.26 18.47 4.46
CA PRO B 70 -17.28 17.43 4.32
C PRO B 70 -17.30 16.92 2.90
N GLY B 71 -17.28 15.60 2.74
CA GLY B 71 -17.22 14.99 1.43
C GLY B 71 -15.82 14.82 0.88
N GLU B 72 -14.79 15.31 1.58
CA GLU B 72 -13.41 15.15 1.15
C GLU B 72 -12.76 14.03 1.95
N TYR B 73 -12.03 13.17 1.25
CA TYR B 73 -11.37 12.02 1.85
C TYR B 73 -10.14 11.68 1.03
N LEU B 74 -9.17 11.01 1.67
CA LEU B 74 -7.96 10.64 0.96
C LEU B 74 -8.22 9.48 0.00
N ILE B 75 -7.69 9.61 -1.21
CA ILE B 75 -7.72 8.54 -2.21
C ILE B 75 -6.34 7.95 -2.49
N ALA B 76 -5.26 8.58 -2.02
CA ALA B 76 -3.92 8.02 -2.23
C ALA B 76 -2.94 8.74 -1.31
N ILE B 77 -1.88 8.02 -0.93
CA ILE B 77 -0.73 8.61 -0.25
C ILE B 77 0.56 8.20 -0.95
N LYS B 78 1.50 9.14 -1.06
CA LYS B 78 2.83 8.88 -1.60
C LYS B 78 3.89 9.31 -0.60
N GLY B 79 5.09 8.76 -0.78
CA GLY B 79 6.18 9.20 0.07
C GLY B 79 7.51 8.67 -0.43
N THR B 80 8.55 9.01 0.33
CA THR B 80 9.89 8.54 0.12
C THR B 80 10.55 8.29 1.46
N THR B 81 11.44 7.31 1.51
CA THR B 81 12.21 7.02 2.71
C THR B 81 13.70 7.05 2.36
N GLY B 82 14.51 7.33 3.35
CA GLY B 82 15.95 7.33 3.16
C GLY B 82 16.67 7.98 4.33
N ALA B 83 17.98 8.09 4.14
CA ALA B 83 18.89 8.61 5.15
C ALA B 83 18.76 10.12 5.31
N LEU B 84 19.01 10.59 6.53
CA LEU B 84 19.16 12.02 6.78
C LEU B 84 20.13 12.18 7.94
N GLY B 85 21.21 12.92 7.71
CA GLY B 85 22.17 13.14 8.77
C GLY B 85 22.71 11.80 9.27
N ALA B 86 22.60 11.62 10.57
CA ALA B 86 23.04 10.42 11.27
C ALA B 86 22.00 9.30 11.28
N VAL B 87 20.81 9.53 10.73
CA VAL B 87 19.73 8.56 10.76
C VAL B 87 19.80 7.72 9.49
N THR B 88 19.90 6.39 9.66
CA THR B 88 20.06 5.49 8.52
C THR B 88 18.86 5.49 7.59
N ASN B 89 17.65 5.56 8.14
CA ASN B 89 16.46 5.40 7.29
C ASN B 89 15.27 6.02 8.00
N LEU B 90 14.71 7.08 7.42
CA LEU B 90 13.54 7.74 7.98
C LEU B 90 12.65 8.19 6.82
N VAL B 91 11.55 8.84 7.15
CA VAL B 91 10.57 9.26 6.16
C VAL B 91 10.99 10.64 5.68
N ARG B 92 11.37 10.72 4.40
CA ARG B 92 11.85 11.98 3.85
C ARG B 92 10.73 12.87 3.32
N SER B 93 9.67 12.27 2.78
CA SER B 93 8.58 13.08 2.24
C SER B 93 7.27 12.32 2.28
N LEU B 94 6.17 13.08 2.30
CA LEU B 94 4.83 12.55 2.20
C LEU B 94 3.96 13.48 1.35
N THR B 95 3.10 12.90 0.52
CA THR B 95 2.11 13.64 -0.24
C THR B 95 0.75 12.98 0.01
N PHE B 96 -0.26 13.81 0.26
CA PHE B 96 -1.62 13.36 0.55
C PHE B 96 -2.55 13.84 -0.54
N ILE B 97 -3.16 12.89 -1.24
CA ILE B 97 -4.05 13.20 -2.37
C ILE B 97 -5.48 12.86 -1.98
N SER B 98 -6.35 13.87 -1.98
CA SER B 98 -7.77 13.68 -1.72
C SER B 98 -8.53 13.69 -3.05
N ASN B 99 -9.83 13.41 -2.96
CA ASN B 99 -10.68 13.50 -4.14
C ASN B 99 -10.90 14.92 -4.65
N MET B 100 -10.47 15.94 -3.91
CA MET B 100 -10.62 17.34 -4.34
C MET B 100 -9.32 18.03 -4.72
N ARG B 101 -8.22 17.76 -4.02
CA ARG B 101 -6.95 18.39 -4.35
C ARG B 101 -5.80 17.57 -3.78
N THR B 102 -4.58 18.01 -4.09
CA THR B 102 -3.35 17.37 -3.64
C THR B 102 -2.70 18.28 -2.61
N TYR B 103 -2.26 17.69 -1.50
CA TYR B 103 -1.54 18.38 -0.43
C TYR B 103 -0.08 17.92 -0.37
N GLY B 104 0.84 18.86 -0.46
CA GLY B 104 2.28 18.59 -0.51
C GLY B 104 2.94 18.78 -1.85
N PRO B 105 4.18 18.27 -2.05
CA PRO B 105 4.98 17.43 -1.14
C PRO B 105 5.44 18.09 0.16
N PHE B 106 5.44 17.32 1.24
CA PHE B 106 6.07 17.74 2.47
C PHE B 106 7.42 17.02 2.56
N GLY B 107 8.45 17.68 3.10
CA GLY B 107 9.76 17.05 3.04
C GLY B 107 10.40 17.27 1.69
N LEU B 108 11.23 16.32 1.26
CA LEU B 108 11.86 16.40 -0.06
C LEU B 108 11.58 15.07 -0.74
N GLU B 109 11.05 15.10 -1.97
CA GLU B 109 10.69 13.83 -2.62
C GLU B 109 11.86 13.16 -3.35
N HIS B 110 12.93 12.91 -2.58
CA HIS B 110 14.08 12.13 -3.01
C HIS B 110 14.19 10.86 -2.16
N GLY B 111 14.80 9.83 -2.72
CA GLY B 111 14.95 8.56 -2.05
C GLY B 111 14.03 7.48 -2.56
N THR B 112 13.79 6.46 -1.71
CA THR B 112 13.03 5.34 -2.23
C THR B 112 11.56 5.64 -2.11
N PRO B 113 10.81 5.59 -3.21
CA PRO B 113 9.37 5.88 -3.17
C PRO B 113 8.55 4.73 -2.60
N PHE B 114 7.42 5.11 -2.04
CA PHE B 114 6.32 4.18 -1.81
C PHE B 114 5.04 4.91 -2.16
N SER B 115 3.99 4.13 -2.41
CA SER B 115 2.71 4.68 -2.84
C SER B 115 1.58 3.75 -2.46
N VAL B 116 0.50 4.34 -1.99
CA VAL B 116 -0.71 3.62 -1.58
C VAL B 116 -1.91 4.26 -2.27
N PRO B 117 -2.21 3.87 -3.52
CA PRO B 117 -3.47 4.29 -4.14
C PRO B 117 -4.61 3.43 -3.63
N VAL B 118 -5.71 4.07 -3.26
CA VAL B 118 -6.86 3.39 -2.68
C VAL B 118 -7.97 3.38 -3.72
N ALA B 119 -8.27 2.19 -4.25
CA ALA B 119 -9.37 2.06 -5.21
C ALA B 119 -10.71 1.98 -4.50
N SER B 120 -10.77 1.31 -3.35
CA SER B 120 -11.99 1.26 -2.55
C SER B 120 -11.58 1.19 -1.08
N GLY B 121 -11.98 2.17 -0.32
CA GLY B 121 -11.68 2.22 1.10
C GLY B 121 -11.52 3.64 1.57
N ARG B 122 -11.28 3.77 2.88
CA ARG B 122 -11.08 5.07 3.51
C ARG B 122 -9.90 5.03 4.46
N ILE B 123 -9.01 6.03 4.33
CA ILE B 123 -7.93 6.20 5.28
C ILE B 123 -8.48 6.95 6.49
N VAL B 124 -8.35 6.36 7.68
CA VAL B 124 -8.96 6.90 8.88
C VAL B 124 -7.96 7.25 9.97
N ALA B 125 -6.72 6.78 9.89
CA ALA B 125 -5.74 7.07 10.94
C ALA B 125 -4.35 6.65 10.46
N PHE B 126 -3.35 6.96 11.29
CA PHE B 126 -1.96 6.67 10.99
C PHE B 126 -1.28 6.12 12.25
N TYR B 127 -0.10 5.54 12.05
CA TYR B 127 0.80 5.24 13.17
C TYR B 127 2.23 5.35 12.66
N GLY B 128 3.20 5.12 13.54
CA GLY B 128 4.57 5.16 13.05
C GLY B 128 5.59 4.99 14.14
N ARG B 129 6.84 5.28 13.77
CA ARG B 129 7.95 5.37 14.73
C ARG B 129 8.52 6.78 14.69
N PHE B 130 8.82 7.32 15.87
CA PHE B 130 9.10 8.73 16.04
C PHE B 130 10.17 8.97 17.10
N GLY B 131 11.05 9.92 16.82
CA GLY B 131 11.96 10.45 17.80
C GLY B 131 11.92 11.96 17.67
N SER B 132 13.04 12.60 17.37
CA SER B 132 12.99 14.00 16.98
C SER B 132 12.45 14.15 15.55
N LEU B 133 12.40 13.07 14.77
CA LEU B 133 11.83 13.07 13.43
C LEU B 133 10.89 11.88 13.29
N VAL B 134 10.31 11.72 12.09
CA VAL B 134 9.46 10.58 11.77
C VAL B 134 10.34 9.46 11.23
N ASP B 135 10.66 8.48 12.07
CA ASP B 135 11.45 7.34 11.63
C ASP B 135 10.67 6.43 10.68
N ALA B 136 9.37 6.22 10.93
CA ALA B 136 8.60 5.29 10.11
C ALA B 136 7.13 5.67 10.14
N PHE B 137 6.39 5.17 9.14
CA PHE B 137 5.04 5.64 8.87
C PHE B 137 4.13 4.48 8.47
N GLY B 138 2.87 4.52 8.91
CA GLY B 138 1.88 3.53 8.55
C GLY B 138 0.48 4.11 8.55
N ILE B 139 -0.45 3.32 8.01
CA ILE B 139 -1.78 3.79 7.62
C ILE B 139 -2.83 2.79 8.09
N TYR B 140 -3.96 3.32 8.58
CA TYR B 140 -5.15 2.52 8.86
C TYR B 140 -6.18 2.80 7.78
N LEU B 141 -6.75 1.74 7.21
CA LEU B 141 -7.79 1.84 6.20
C LEU B 141 -9.02 1.06 6.65
N MET B 142 -10.18 1.60 6.34
CA MET B 142 -11.48 1.02 6.58
C MET B 142 -12.08 0.59 5.25
N PRO B 143 -12.71 -0.59 5.15
CA PRO B 143 -13.46 -0.89 3.93
C PRO B 143 -14.54 0.16 3.69
N TYR B 144 -14.84 0.40 2.41
CA TYR B 144 -15.86 1.38 2.04
C TYR B 144 -17.11 0.72 1.49
C1 MAN C . -1.31 -5.67 -25.67
C2 MAN C . -2.32 -4.51 -25.67
C3 MAN C . -1.74 -3.25 -24.99
C4 MAN C . -0.92 -3.58 -23.73
C5 MAN C . 0.08 -4.71 -24.02
C6 MAN C . 0.91 -5.13 -22.83
O1 MAN C . -0.41 -5.40 -26.72
O2 MAN C . -3.50 -4.85 -24.94
O3 MAN C . -2.76 -2.31 -24.68
O4 MAN C . -0.21 -2.42 -23.31
O5 MAN C . -0.66 -5.85 -24.45
O6 MAN C . 0.12 -5.98 -22.00
H1 MAN C . -1.84 -6.62 -25.84
H2 MAN C . -2.58 -4.28 -26.71
H3 MAN C . -1.07 -2.74 -25.71
H4 MAN C . -1.62 -3.93 -22.94
H5 MAN C . 0.75 -4.38 -24.82
H61 MAN C . 1.22 -4.22 -22.28
H62 MAN C . 1.81 -5.64 -23.20
HO1 MAN C . -0.15 -6.25 -27.10
HO2 MAN C . -4.06 -5.39 -25.49
HO3 MAN C . -3.00 -1.88 -25.52
HO4 MAN C . -0.53 -2.25 -22.40
HO6 MAN C . 0.07 -5.58 -21.12
C1 MAN D . 10.64 -12.41 -22.85
C2 MAN D . 9.86 -13.66 -23.31
C3 MAN D . 8.37 -13.34 -23.54
C4 MAN D . 7.77 -12.46 -22.43
C5 MAN D . 8.64 -11.21 -22.23
C6 MAN D . 8.14 -10.29 -21.12
O1 MAN D . 10.92 -11.66 -24.02
O2 MAN D . 9.90 -14.69 -22.32
O3 MAN D . 7.61 -14.54 -23.66
O4 MAN D . 6.46 -12.05 -22.80
O5 MAN D . 9.96 -11.63 -21.87
O6 MAN D . 8.53 -10.85 -19.87
H1 MAN D . 11.57 -12.71 -22.34
H2 MAN D . 10.31 -14.01 -24.25
H3 MAN D . 8.26 -12.81 -24.50
H4 MAN D . 7.77 -13.03 -21.49
H5 MAN D . 8.66 -10.63 -23.17
H61 MAN D . 7.05 -10.20 -21.20
H62 MAN D . 8.58 -9.30 -21.29
HO1 MAN D . 11.45 -10.90 -23.75
HO2 MAN D . 10.80 -15.04 -22.27
HO3 MAN D . 7.61 -14.75 -24.61
HO4 MAN D . 5.87 -12.75 -22.46
HO6 MAN D . 7.73 -11.13 -19.41
C1 MAN E . 16.03 10.51 18.29
C2 MAN E . 16.06 9.02 18.67
C3 MAN E . 16.53 8.16 17.48
C4 MAN E . 15.85 8.56 16.17
C5 MAN E . 15.97 10.07 15.94
C6 MAN E . 15.25 10.56 14.70
O1 MAN E . 17.37 10.94 18.30
O2 MAN E . 14.75 8.54 18.99
O3 MAN E . 16.32 6.77 17.73
O4 MAN E . 16.46 7.87 15.09
O5 MAN E . 15.40 10.76 17.06
O6 MAN E . 13.85 10.60 14.99
H1 MAN E . 15.42 11.06 19.01
H2 MAN E . 16.75 8.89 19.51
H3 MAN E . 17.61 8.28 17.36
H4 MAN E . 14.78 8.31 16.24
H5 MAN E . 17.03 10.34 15.85
H61 MAN E . 15.47 9.87 13.87
H62 MAN E . 15.65 11.55 14.44
HO1 MAN E . 17.35 11.90 18.45
HO2 MAN E . 14.49 8.90 19.85
HO3 MAN E . 17.11 6.47 18.21
HO4 MAN E . 15.73 7.53 14.56
HO6 MAN E . 13.53 9.68 15.00
C1 MAN F . 16.69 20.47 8.10
C2 MAN F . 16.26 21.71 8.92
C3 MAN F . 15.43 21.36 10.17
C4 MAN F . 14.59 20.06 10.06
C5 MAN F . 15.30 18.95 9.29
C6 MAN F . 14.43 17.74 9.04
O1 MAN F . 17.89 20.01 8.68
O2 MAN F . 15.45 22.59 8.15
O3 MAN F . 14.57 22.44 10.50
O4 MAN F . 14.32 19.58 11.38
O5 MAN F . 15.70 19.47 8.02
O6 MAN F . 13.24 18.16 8.35
H1 MAN F . 16.84 20.77 7.05
H2 MAN F . 17.18 22.22 9.24
H3 MAN F . 16.11 21.24 11.02
H4 MAN F . 13.64 20.29 9.54
H5 MAN F . 16.19 18.63 9.85
H61 MAN F . 14.18 17.28 10.00
H62 MAN F . 15.01 17.01 8.45
HO1 MAN F . 18.61 20.50 8.27
HO2 MAN F . 15.78 23.49 8.24
HO3 MAN F . 13.87 22.43 9.82
HO4 MAN F . 13.49 19.99 11.64
HO6 MAN F . 12.61 18.43 9.01
#